data_5OS0
#
_entry.id   5OS0
#
_cell.length_a   82.210
_cell.length_b   82.210
_cell.length_c   175.860
_cell.angle_alpha   90.000
_cell.angle_beta   90.000
_cell.angle_gamma   120.000
#
_symmetry.space_group_name_H-M   'P 61 2 2'
#
loop_
_entity.id
_entity.type
_entity.pdbx_description
1 polymer 'Aurora kinase A'
2 non-polymer "ADENOSINE-5'-DIPHOSPHATE"
3 non-polymer 'MAGNESIUM ION'
4 non-polymer 2-[4-(3-chlorophenyl)piperazin-1-ium-1-yl]ethanenitrile
5 water water
#
_entity_poly.entity_id   1
_entity_poly.type   'polypeptide(L)'
_entity_poly.pdbx_seq_one_letter_code
;QWALEDFEIGRPLGKGKFGNVYLAREKQSKFILALKVLFKAQLEKAGVEHQLRREVEIQSHLRHPNILRLYGYFHDATRV
YLILEYAPLGTVYRELQKLSKFDEQRTATYITELANALSYCHSKRVIHRDIKPENLLLGSAGELKIADFGWSVHAPSSRR
T(TPO)LAGTLDYLPPEMIEGRMHDEKVDLWSLGVLCYEFLVGKPPFEANTYQETYKRISRVEFTFPDFVTEGARDLISR
LLKHNPSQRPMLREVLEHPWITANSSKPS
;
_entity_poly.pdbx_strand_id   A
#
loop_
_chem_comp.id
_chem_comp.type
_chem_comp.name
_chem_comp.formula
A6Z non-polymer 2-[4-(3-chlorophenyl)piperazin-1-ium-1-yl]ethanenitrile 'C12 H15 Cl N3 1'
ADP non-polymer ADENOSINE-5'-DIPHOSPHATE 'C10 H15 N5 O10 P2'
MG non-polymer 'MAGNESIUM ION' 'Mg 2'
#
# COMPACT_ATOMS: atom_id res chain seq x y z
N GLN A 1 21.50 -12.47 -16.36
CA GLN A 1 21.60 -11.20 -17.07
C GLN A 1 22.21 -10.12 -16.18
N TRP A 2 21.37 -9.36 -15.46
CA TRP A 2 21.87 -8.35 -14.53
C TRP A 2 22.63 -9.00 -13.38
N ALA A 3 23.68 -8.34 -12.91
CA ALA A 3 24.38 -8.74 -11.69
C ALA A 3 24.77 -7.53 -10.84
N LEU A 4 25.26 -7.76 -9.63
CA LEU A 4 25.58 -6.66 -8.72
C LEU A 4 26.64 -5.72 -9.29
N GLU A 5 27.61 -6.29 -10.01
CA GLU A 5 28.70 -5.52 -10.61
C GLU A 5 28.25 -4.48 -11.61
N ASP A 6 27.01 -4.56 -12.08
CA ASP A 6 26.50 -3.59 -13.05
C ASP A 6 26.08 -2.25 -12.42
N PHE A 7 26.09 -2.17 -11.09
CA PHE A 7 25.50 -1.02 -10.38
C PHE A 7 26.44 -0.37 -9.38
N GLU A 8 26.41 0.97 -9.29
CA GLU A 8 27.03 1.66 -8.16
C GLU A 8 25.96 1.95 -7.10
N ILE A 9 26.23 1.58 -5.86
CA ILE A 9 25.23 1.65 -4.81
C ILE A 9 25.39 2.99 -4.09
N GLY A 10 24.27 3.58 -3.68
CA GLY A 10 24.32 4.82 -2.92
C GLY A 10 23.53 4.82 -1.64
N ARG A 11 22.84 5.91 -1.38
CA ARG A 11 22.32 6.05 -0.03
C ARG A 11 21.09 5.18 0.24
N PRO A 12 21.03 4.64 1.46
CA PRO A 12 19.88 3.88 1.96
C PRO A 12 18.58 4.68 1.82
N LEU A 13 17.58 4.09 1.16
CA LEU A 13 16.30 4.75 0.93
C LEU A 13 15.27 4.37 1.97
N GLY A 14 15.42 3.20 2.56
CA GLY A 14 14.46 2.70 3.52
C GLY A 14 14.70 1.28 3.92
N LYS A 15 14.00 0.85 4.96
CA LYS A 15 14.10 -0.54 5.42
C LYS A 15 12.71 -1.13 5.61
N GLY A 16 12.55 -2.41 5.30
CA GLY A 16 11.33 -3.11 5.68
C GLY A 16 11.70 -4.33 6.52
N LYS A 17 10.71 -5.21 6.76
CA LYS A 17 10.96 -6.47 7.48
C LYS A 17 12.02 -7.33 6.78
N PHE A 18 11.91 -7.43 5.46
CA PHE A 18 12.87 -8.18 4.66
C PHE A 18 13.74 -7.30 3.76
N GLY A 19 13.14 -6.24 3.20
CA GLY A 19 13.86 -5.38 2.27
C GLY A 19 14.80 -4.34 2.91
N ASN A 20 16.01 -4.26 2.40
CA ASN A 20 16.86 -3.09 2.63
C ASN A 20 16.97 -2.40 1.27
N VAL A 21 16.44 -1.18 1.13
CA VAL A 21 16.35 -0.55 -0.21
C VAL A 21 17.38 0.58 -0.37
N TYR A 22 18.13 0.59 -1.48
CA TYR A 22 19.23 1.54 -1.76
C TYR A 22 19.03 2.28 -3.07
N LEU A 23 19.48 3.54 -3.13
CA LEU A 23 19.59 4.23 -4.40
C LEU A 23 20.75 3.58 -5.15
N ALA A 24 20.64 3.50 -6.47
CA ALA A 24 21.68 2.88 -7.30
C ALA A 24 21.70 3.46 -8.69
N ARG A 25 22.86 3.39 -9.36
CA ARG A 25 23.01 3.87 -10.73
C ARG A 25 23.61 2.75 -11.56
N GLU A 26 22.95 2.41 -12.66
CA GLU A 26 23.48 1.38 -13.56
C GLU A 26 24.66 1.95 -14.34
N LYS A 27 25.75 1.18 -14.43
CA LYS A 27 27.04 1.77 -14.81
C LYS A 27 27.15 2.23 -16.26
N GLN A 28 26.58 1.50 -17.20
CA GLN A 28 26.77 1.83 -18.62
C GLN A 28 25.80 2.90 -19.12
N SER A 29 24.60 2.94 -18.55
CA SER A 29 23.58 3.88 -19.01
C SER A 29 23.42 5.11 -18.10
N LYS A 30 23.98 5.03 -16.90
CA LYS A 30 23.79 6.00 -15.81
C LYS A 30 22.33 6.10 -15.33
N PHE A 31 21.52 5.08 -15.61
CA PHE A 31 20.12 5.10 -15.19
C PHE A 31 19.99 5.02 -13.66
N ILE A 32 19.25 5.93 -13.05
CA ILE A 32 19.03 5.92 -11.59
C ILE A 32 17.79 5.12 -11.23
N LEU A 33 17.92 4.29 -10.20
CA LEU A 33 16.87 3.36 -9.80
C LEU A 33 16.98 3.02 -8.32
N ALA A 34 16.07 2.17 -7.86
CA ALA A 34 16.08 1.71 -6.48
C ALA A 34 16.27 0.21 -6.47
N LEU A 35 17.25 -0.25 -5.71
CA LEU A 35 17.55 -1.68 -5.58
C LEU A 35 17.05 -2.21 -4.24
N LYS A 36 16.08 -3.12 -4.27
CA LYS A 36 15.54 -3.74 -3.07
C LYS A 36 16.24 -5.08 -2.79
N VAL A 37 16.98 -5.14 -1.68
CA VAL A 37 17.82 -6.30 -1.32
C VAL A 37 17.21 -7.18 -0.24
N LEU A 38 17.09 -8.47 -0.55
CA LEU A 38 16.52 -9.45 0.35
C LEU A 38 17.55 -10.53 0.66
N PHE A 39 17.66 -10.94 1.91
CA PHE A 39 18.59 -12.00 2.27
C PHE A 39 17.94 -13.39 2.19
N LYS A 40 18.55 -14.28 1.41
CA LYS A 40 17.97 -15.61 1.18
C LYS A 40 17.75 -16.38 2.49
N ALA A 41 18.64 -16.22 3.46
CA ALA A 41 18.52 -16.97 4.70
C ALA A 41 17.28 -16.55 5.48
N GLN A 42 16.98 -15.26 5.46
CA GLN A 42 15.78 -14.74 6.09
C GLN A 42 14.51 -15.15 5.35
N LEU A 43 14.56 -15.18 4.03
CA LEU A 43 13.40 -15.59 3.24
C LEU A 43 13.06 -17.07 3.50
N GLU A 44 14.09 -17.91 3.53
CA GLU A 44 13.92 -19.34 3.75
C GLU A 44 13.43 -19.63 5.17
N LYS A 45 13.98 -18.93 6.14
CA LYS A 45 13.59 -19.10 7.53
C LYS A 45 12.12 -18.76 7.76
N ALA A 46 11.64 -17.69 7.11
CA ALA A 46 10.26 -17.25 7.28
C ALA A 46 9.30 -18.00 6.34
N GLY A 47 9.85 -18.73 5.38
CA GLY A 47 9.02 -19.46 4.43
C GLY A 47 8.20 -18.58 3.51
N VAL A 48 8.77 -17.47 3.06
CA VAL A 48 8.00 -16.55 2.22
C VAL A 48 8.50 -16.48 0.78
N GLU A 49 9.15 -17.54 0.30
CA GLU A 49 9.57 -17.60 -1.11
C GLU A 49 8.41 -17.32 -2.07
N HIS A 50 7.22 -17.84 -1.74
CA HIS A 50 6.06 -17.71 -2.64
C HIS A 50 5.57 -16.26 -2.75
N GLN A 51 5.63 -15.54 -1.63
CA GLN A 51 5.33 -14.10 -1.59
C GLN A 51 6.25 -13.31 -2.51
N LEU A 52 7.54 -13.62 -2.48
CA LEU A 52 8.51 -12.99 -3.35
C LEU A 52 8.17 -13.23 -4.84
N ARG A 53 7.82 -14.47 -5.18
CA ARG A 53 7.49 -14.79 -6.57
C ARG A 53 6.25 -14.04 -7.02
N ARG A 54 5.28 -13.91 -6.13
CA ARG A 54 4.06 -13.18 -6.48
C ARG A 54 4.36 -11.69 -6.64
N GLU A 55 5.22 -11.14 -5.77
CA GLU A 55 5.62 -9.73 -5.89
C GLU A 55 6.20 -9.43 -7.29
N VAL A 56 7.17 -10.25 -7.69
CA VAL A 56 7.80 -10.11 -9.00
C VAL A 56 6.81 -10.31 -10.17
N GLU A 57 6.08 -11.42 -10.15
CA GLU A 57 5.17 -11.74 -11.26
C GLU A 57 4.05 -10.74 -11.46
N ILE A 58 3.36 -10.39 -10.37
CA ILE A 58 2.25 -9.45 -10.40
C ILE A 58 2.71 -8.03 -10.76
N GLN A 59 3.75 -7.54 -10.08
CA GLN A 59 4.15 -6.14 -10.24
C GLN A 59 4.81 -5.88 -11.60
N SER A 60 5.60 -6.82 -12.11
CA SER A 60 6.30 -6.60 -13.39
C SER A 60 5.36 -6.48 -14.59
N HIS A 61 4.14 -7.00 -14.48
CA HIS A 61 3.23 -6.93 -15.63
C HIS A 61 2.24 -5.76 -15.59
N LEU A 62 2.05 -5.16 -14.42
CA LEU A 62 1.18 -3.99 -14.31
C LEU A 62 1.79 -2.74 -14.95
N ARG A 63 0.96 -1.93 -15.60
CA ARG A 63 1.40 -0.66 -16.19
C ARG A 63 0.34 0.43 -15.95
N HIS A 64 0.61 1.28 -14.97
CA HIS A 64 -0.30 2.34 -14.58
C HIS A 64 0.53 3.45 -13.91
N PRO A 65 0.18 4.72 -14.18
CA PRO A 65 0.95 5.87 -13.68
C PRO A 65 1.04 5.92 -12.16
N ASN A 66 0.03 5.37 -11.50
CA ASN A 66 -0.05 5.38 -10.06
C ASN A 66 0.37 4.04 -9.41
N ILE A 67 1.10 3.21 -10.14
CA ILE A 67 1.66 1.97 -9.60
C ILE A 67 3.17 1.92 -9.88
N LEU A 68 3.98 1.61 -8.86
CA LEU A 68 5.44 1.59 -9.04
C LEU A 68 5.90 0.45 -9.96
N ARG A 69 6.79 0.78 -10.91
CA ARG A 69 7.34 -0.22 -11.84
C ARG A 69 8.35 -1.16 -11.18
N LEU A 70 8.27 -2.44 -11.54
CA LEU A 70 9.35 -3.37 -11.27
C LEU A 70 10.00 -3.73 -12.60
N TYR A 71 11.31 -3.53 -12.73
CA TYR A 71 11.99 -3.69 -14.03
C TYR A 71 12.65 -5.05 -14.24
N GLY A 72 13.05 -5.72 -13.15
CA GLY A 72 13.78 -6.96 -13.27
C GLY A 72 14.38 -7.37 -11.94
N TYR A 73 15.24 -8.39 -11.98
CA TYR A 73 15.86 -8.97 -10.78
C TYR A 73 17.02 -9.92 -11.03
N PHE A 74 17.73 -10.23 -9.96
CA PHE A 74 18.85 -11.16 -10.01
C PHE A 74 19.16 -11.64 -8.61
N HIS A 75 20.05 -12.63 -8.47
CA HIS A 75 20.42 -13.14 -7.15
C HIS A 75 21.80 -13.77 -7.16
N ASP A 76 22.41 -13.90 -5.98
CA ASP A 76 23.82 -14.26 -5.89
C ASP A 76 24.17 -15.21 -4.75
N ALA A 77 23.21 -16.03 -4.35
CA ALA A 77 23.43 -17.14 -3.41
C ALA A 77 23.45 -16.71 -1.94
N THR A 78 23.47 -15.41 -1.67
CA THR A 78 23.09 -14.95 -0.33
C THR A 78 21.95 -13.94 -0.40
N ARG A 79 21.76 -13.30 -1.54
CA ARG A 79 20.78 -12.23 -1.66
C ARG A 79 19.94 -12.30 -2.93
N VAL A 80 18.71 -11.80 -2.85
CA VAL A 80 17.90 -11.53 -4.03
C VAL A 80 17.75 -10.00 -4.21
N TYR A 81 17.87 -9.50 -5.45
CA TYR A 81 17.80 -8.07 -5.74
C TYR A 81 16.64 -7.75 -6.67
N LEU A 82 15.74 -6.86 -6.25
CA LEU A 82 14.66 -6.41 -7.14
C LEU A 82 14.99 -5.02 -7.67
N ILE A 83 14.87 -4.83 -8.98
CA ILE A 83 15.16 -3.56 -9.65
C ILE A 83 13.89 -2.73 -9.83
N LEU A 84 13.75 -1.67 -9.03
CA LEU A 84 12.53 -0.86 -8.97
C LEU A 84 12.68 0.54 -9.53
N GLU A 85 11.59 1.09 -10.05
CA GLU A 85 11.49 2.53 -10.30
C GLU A 85 11.80 3.31 -9.01
N TYR A 86 12.67 4.32 -9.11
CA TYR A 86 13.02 5.19 -7.95
C TYR A 86 11.92 6.25 -7.77
N ALA A 87 11.43 6.42 -6.53
CA ALA A 87 10.43 7.44 -6.21
C ALA A 87 11.08 8.58 -5.43
N PRO A 88 11.35 9.71 -6.09
CA PRO A 88 12.26 10.69 -5.50
C PRO A 88 11.67 11.48 -4.31
N LEU A 89 10.35 11.51 -4.15
CA LEU A 89 9.78 12.32 -3.06
C LEU A 89 9.40 11.51 -1.82
N GLY A 90 9.76 10.23 -1.77
CA GLY A 90 9.68 9.51 -0.51
C GLY A 90 8.32 8.90 -0.24
N THR A 91 8.02 8.61 1.02
CA THR A 91 6.78 7.92 1.37
C THR A 91 5.71 8.87 1.90
N VAL A 92 4.45 8.50 1.68
CA VAL A 92 3.32 9.19 2.33
C VAL A 92 3.46 9.16 3.85
N TYR A 93 3.94 8.06 4.40
CA TYR A 93 4.21 7.93 5.84
C TYR A 93 5.08 9.10 6.36
N ARG A 94 6.19 9.38 5.67
CA ARG A 94 7.09 10.47 6.06
C ARG A 94 6.40 11.85 5.95
N GLU A 95 5.57 12.03 4.94
CA GLU A 95 4.85 13.30 4.77
C GLU A 95 3.83 13.51 5.89
N LEU A 96 3.19 12.42 6.32
CA LEU A 96 2.24 12.49 7.41
C LEU A 96 2.95 12.81 8.74
N GLN A 97 4.13 12.22 8.96
CA GLN A 97 4.90 12.53 10.17
C GLN A 97 5.35 13.99 10.16
N LYS A 98 5.64 14.52 8.98
CA LYS A 98 6.06 15.91 8.86
C LYS A 98 4.91 16.89 9.15
N LEU A 99 3.73 16.63 8.58
CA LEU A 99 2.62 17.60 8.61
C LEU A 99 1.60 17.34 9.71
N SER A 100 1.69 16.18 10.37
CA SER A 100 0.71 15.69 11.36
C SER A 100 -0.63 15.27 10.74
N LYS A 101 -1.21 16.13 9.92
CA LYS A 101 -2.49 15.86 9.26
C LYS A 101 -2.51 16.47 7.86
N PHE A 102 -3.28 15.88 6.95
CA PHE A 102 -3.45 16.46 5.61
C PHE A 102 -4.76 17.25 5.54
N ASP A 103 -4.82 18.30 4.71
CA ASP A 103 -6.09 19.00 4.49
C ASP A 103 -6.98 18.22 3.53
N GLU A 104 -8.20 18.72 3.31
CA GLU A 104 -9.18 17.97 2.52
C GLU A 104 -8.80 17.84 1.04
N GLN A 105 -8.11 18.83 0.50
CA GLN A 105 -7.76 18.78 -0.92
C GLN A 105 -6.65 17.76 -1.14
N ARG A 106 -5.63 17.79 -0.29
CA ARG A 106 -4.55 16.81 -0.35
C ARG A 106 -5.08 15.39 -0.17
N THR A 107 -5.90 15.20 0.85
CA THR A 107 -6.51 13.88 1.13
C THR A 107 -7.34 13.35 -0.05
N ALA A 108 -8.25 14.17 -0.58
CA ALA A 108 -9.12 13.74 -1.66
C ALA A 108 -8.32 13.41 -2.94
N THR A 109 -7.27 14.19 -3.20
CA THR A 109 -6.38 13.92 -4.33
C THR A 109 -5.66 12.56 -4.17
N TYR A 110 -5.12 12.30 -2.98
CA TYR A 110 -4.45 11.01 -2.74
C TYR A 110 -5.45 9.86 -2.90
N ILE A 111 -6.68 10.05 -2.38
CA ILE A 111 -7.71 8.99 -2.48
C ILE A 111 -8.10 8.73 -3.94
N THR A 112 -8.19 9.79 -4.75
CA THR A 112 -8.46 9.63 -6.19
C THR A 112 -7.37 8.80 -6.86
N GLU A 113 -6.12 9.14 -6.58
CA GLU A 113 -4.99 8.42 -7.15
C GLU A 113 -4.94 6.94 -6.70
N LEU A 114 -5.21 6.68 -5.42
CA LEU A 114 -5.29 5.29 -4.94
C LEU A 114 -6.41 4.53 -5.64
N ALA A 115 -7.58 5.17 -5.74
CA ALA A 115 -8.75 4.51 -6.32
C ALA A 115 -8.55 4.18 -7.80
N ASN A 116 -7.90 5.08 -8.54
CA ASN A 116 -7.50 4.80 -9.94
C ASN A 116 -6.56 3.60 -10.03
N ALA A 117 -5.55 3.58 -9.18
CA ALA A 117 -4.58 2.48 -9.20
C ALA A 117 -5.25 1.14 -8.86
N LEU A 118 -6.13 1.17 -7.86
CA LEU A 118 -6.78 -0.05 -7.41
C LEU A 118 -7.82 -0.49 -8.44
N SER A 119 -8.43 0.47 -9.10
CA SER A 119 -9.45 0.14 -10.09
C SER A 119 -8.80 -0.70 -11.21
N TYR A 120 -7.62 -0.28 -11.64
CA TYR A 120 -6.82 -1.00 -12.62
C TYR A 120 -6.45 -2.40 -12.13
N CYS A 121 -5.97 -2.49 -10.89
CA CYS A 121 -5.63 -3.78 -10.24
C CYS A 121 -6.80 -4.75 -10.19
N HIS A 122 -7.96 -4.25 -9.78
CA HIS A 122 -9.12 -5.11 -9.58
C HIS A 122 -9.68 -5.61 -10.93
N SER A 123 -9.45 -4.85 -12.00
CA SER A 123 -9.83 -5.29 -13.34
C SER A 123 -9.06 -6.54 -13.78
N LYS A 124 -7.96 -6.83 -13.11
CA LYS A 124 -7.21 -8.06 -13.35
C LYS A 124 -7.41 -9.06 -12.22
N ARG A 125 -8.39 -8.77 -11.35
CA ARG A 125 -8.65 -9.55 -10.15
C ARG A 125 -7.43 -9.65 -9.24
N VAL A 126 -6.55 -8.65 -9.30
CA VAL A 126 -5.44 -8.54 -8.36
C VAL A 126 -5.86 -7.74 -7.12
N ILE A 127 -5.68 -8.31 -5.94
CA ILE A 127 -5.90 -7.55 -4.71
C ILE A 127 -4.56 -7.36 -3.97
N HIS A 128 -4.37 -6.17 -3.39
CA HIS A 128 -3.04 -5.79 -2.87
C HIS A 128 -2.85 -6.29 -1.44
N ARG A 129 -3.85 -6.00 -0.59
CA ARG A 129 -3.96 -6.49 0.78
C ARG A 129 -2.97 -5.87 1.80
N ASP A 130 -2.12 -4.94 1.37
CA ASP A 130 -1.15 -4.32 2.29
C ASP A 130 -0.99 -2.83 2.01
N ILE A 131 -2.12 -2.19 1.71
CA ILE A 131 -2.14 -0.75 1.48
C ILE A 131 -2.05 -0.01 2.80
N LYS A 132 -0.99 0.77 2.94
CA LYS A 132 -0.70 1.52 4.18
C LYS A 132 0.39 2.54 3.85
N PRO A 133 0.51 3.60 4.66
CA PRO A 133 1.34 4.75 4.26
C PRO A 133 2.80 4.43 3.91
N GLU A 134 3.43 3.43 4.55
CA GLU A 134 4.86 3.17 4.27
C GLU A 134 5.06 2.47 2.91
N ASN A 135 3.97 1.97 2.34
CA ASN A 135 3.96 1.37 1.00
C ASN A 135 3.37 2.27 -0.10
N LEU A 136 3.15 3.55 0.21
CA LEU A 136 2.69 4.51 -0.80
C LEU A 136 3.79 5.54 -1.05
N LEU A 137 4.34 5.55 -2.27
CA LEU A 137 5.51 6.38 -2.59
C LEU A 137 5.11 7.58 -3.45
N LEU A 138 6.02 8.53 -3.60
CA LEU A 138 5.69 9.79 -4.28
C LEU A 138 6.66 10.09 -5.42
N GLY A 139 6.11 10.35 -6.60
CA GLY A 139 6.90 10.59 -7.80
C GLY A 139 7.36 12.03 -7.88
N SER A 140 8.02 12.40 -8.98
CA SER A 140 8.70 13.69 -9.04
C SER A 140 7.73 14.87 -9.07
N ALA A 141 6.48 14.61 -9.46
CA ALA A 141 5.46 15.65 -9.48
C ALA A 141 4.51 15.52 -8.29
N GLY A 142 4.96 14.79 -7.27
CA GLY A 142 4.19 14.60 -6.04
C GLY A 142 3.06 13.60 -6.14
N GLU A 143 2.97 12.87 -7.27
CA GLU A 143 1.86 11.95 -7.49
C GLU A 143 2.05 10.62 -6.73
N LEU A 144 0.96 10.08 -6.20
CA LEU A 144 1.04 8.86 -5.41
C LEU A 144 1.25 7.59 -6.29
N LYS A 145 2.14 6.70 -5.86
CA LYS A 145 2.29 5.38 -6.50
C LYS A 145 2.20 4.24 -5.47
N ILE A 146 1.36 3.24 -5.71
CA ILE A 146 1.34 2.05 -4.85
C ILE A 146 2.55 1.16 -5.07
N ALA A 147 3.15 0.67 -3.98
CA ALA A 147 4.31 -0.22 -4.04
C ALA A 147 4.14 -1.41 -3.10
N ASP A 148 5.20 -2.22 -3.01
CA ASP A 148 5.28 -3.40 -2.12
C ASP A 148 4.15 -4.43 -2.36
N PHE A 149 4.28 -5.21 -3.45
CA PHE A 149 3.25 -6.18 -3.81
C PHE A 149 3.49 -7.57 -3.23
N GLY A 150 4.29 -7.66 -2.16
CA GLY A 150 4.59 -8.94 -1.54
C GLY A 150 3.39 -9.71 -0.98
N TRP A 151 2.36 -9.00 -0.57
CA TRP A 151 1.15 -9.66 -0.04
C TRP A 151 0.03 -9.79 -1.10
N SER A 152 0.28 -9.34 -2.33
CA SER A 152 -0.78 -9.33 -3.34
C SER A 152 -1.11 -10.75 -3.81
N VAL A 153 -2.35 -10.95 -4.27
CA VAL A 153 -2.85 -12.24 -4.73
C VAL A 153 -3.97 -12.09 -5.76
N HIS A 154 -4.41 -13.22 -6.31
CA HIS A 154 -5.65 -13.24 -7.10
C HIS A 154 -6.84 -13.66 -6.21
N ALA A 155 -7.98 -13.03 -6.43
CA ALA A 155 -9.18 -13.28 -5.63
C ALA A 155 -10.06 -14.34 -6.29
N PRO A 156 -10.83 -15.11 -5.48
CA PRO A 156 -10.89 -15.01 -4.01
C PRO A 156 -9.77 -15.77 -3.34
N SER A 157 -9.67 -15.70 -2.01
CA SER A 157 -8.50 -16.24 -1.34
C SER A 157 -8.70 -16.48 0.15
N SER A 158 -7.87 -17.36 0.70
CA SER A 158 -7.71 -17.47 2.14
C SER A 158 -6.28 -17.01 2.46
N ARG A 159 -5.85 -17.16 3.69
CA ARG A 159 -4.48 -16.79 4.03
C ARG A 159 -3.66 -18.02 4.46
N ARG A 160 -2.48 -18.18 3.88
CA ARG A 160 -1.60 -19.31 4.18
C ARG A 160 -0.38 -18.87 4.99
N THR A 161 -0.14 -17.56 5.05
CA THR A 161 1.04 -17.01 5.71
C THR A 161 0.67 -16.26 6.98
N TPO A 162 1.56 -16.32 7.98
CA TPO A 162 1.38 -15.63 9.26
CB TPO A 162 2.53 -16.01 10.23
CG2 TPO A 162 2.46 -15.18 11.51
OG1 TPO A 162 2.49 -17.40 10.55
P TPO A 162 3.79 -18.17 9.95
O1P TPO A 162 3.86 -17.89 8.35
O2P TPO A 162 5.04 -17.70 10.59
O3P TPO A 162 3.61 -19.75 10.21
C TPO A 162 1.30 -14.10 9.10
O TPO A 162 2.09 -13.51 8.36
N LEU A 163 0.35 -13.46 9.79
CA LEU A 163 0.31 -12.00 9.84
C LEU A 163 1.50 -11.50 10.66
N ALA A 164 2.19 -10.48 10.16
CA ALA A 164 3.44 -10.05 10.77
C ALA A 164 3.26 -8.98 11.86
N GLY A 165 3.02 -7.74 11.43
CA GLY A 165 3.09 -6.61 12.35
C GLY A 165 1.76 -6.05 12.82
N THR A 166 1.46 -4.83 12.39
CA THR A 166 0.24 -4.15 12.82
C THR A 166 -1.03 -4.67 12.14
N LEU A 167 -2.11 -4.70 12.90
CA LEU A 167 -3.42 -5.08 12.36
C LEU A 167 -4.15 -3.88 11.76
N ASP A 168 -3.59 -2.68 11.88
CA ASP A 168 -4.37 -1.45 11.76
C ASP A 168 -5.12 -1.24 10.44
N TYR A 169 -4.65 -1.83 9.34
CA TYR A 169 -5.28 -1.55 8.06
C TYR A 169 -6.12 -2.73 7.54
N LEU A 170 -6.22 -3.79 8.32
CA LEU A 170 -6.87 -5.01 7.82
C LEU A 170 -8.34 -5.10 8.23
N PRO A 171 -9.18 -5.61 7.33
CA PRO A 171 -10.60 -5.78 7.65
C PRO A 171 -10.89 -6.98 8.56
N PRO A 172 -12.11 -7.04 9.11
CA PRO A 172 -12.49 -8.16 9.99
C PRO A 172 -12.28 -9.54 9.36
N GLU A 173 -12.67 -9.72 8.10
CA GLU A 173 -12.54 -11.01 7.44
C GLU A 173 -11.09 -11.47 7.31
N MET A 174 -10.12 -10.55 7.22
CA MET A 174 -8.73 -10.98 7.18
C MET A 174 -8.18 -11.30 8.57
N ILE A 175 -8.50 -10.48 9.55
CA ILE A 175 -7.94 -10.72 10.88
C ILE A 175 -8.59 -11.95 11.52
N GLU A 176 -9.83 -12.24 11.14
CA GLU A 176 -10.52 -13.45 11.61
C GLU A 176 -10.17 -14.68 10.77
N GLY A 177 -9.24 -14.51 9.84
CA GLY A 177 -8.72 -15.63 9.05
C GLY A 177 -9.75 -16.27 8.15
N ARG A 178 -10.79 -15.51 7.83
CA ARG A 178 -11.83 -15.99 6.94
C ARG A 178 -11.50 -15.71 5.48
N MET A 179 -12.45 -15.99 4.60
CA MET A 179 -12.17 -15.98 3.18
C MET A 179 -12.47 -14.57 2.72
N HIS A 180 -11.73 -14.06 1.74
CA HIS A 180 -11.81 -12.63 1.40
C HIS A 180 -11.62 -12.37 -0.10
N ASP A 181 -11.98 -11.16 -0.54
CA ASP A 181 -11.89 -10.79 -1.94
C ASP A 181 -11.41 -9.34 -2.11
N GLU A 182 -11.72 -8.75 -3.25
CA GLU A 182 -11.33 -7.37 -3.58
C GLU A 182 -11.77 -6.34 -2.53
N LYS A 183 -12.84 -6.63 -1.79
CA LYS A 183 -13.39 -5.63 -0.88
C LYS A 183 -12.44 -5.34 0.29
N VAL A 184 -11.41 -6.17 0.46
CA VAL A 184 -10.42 -5.90 1.50
C VAL A 184 -9.72 -4.57 1.23
N ASP A 185 -9.45 -4.25 -0.03
CA ASP A 185 -8.72 -3.01 -0.35
C ASP A 185 -9.64 -1.81 -0.16
N LEU A 186 -10.94 -2.00 -0.28
CA LEU A 186 -11.84 -0.88 -0.01
C LEU A 186 -11.88 -0.52 1.47
N TRP A 187 -11.87 -1.53 2.34
CA TRP A 187 -11.77 -1.28 3.78
C TRP A 187 -10.48 -0.47 4.11
N SER A 188 -9.35 -0.90 3.54
CA SER A 188 -8.08 -0.20 3.78
C SER A 188 -8.11 1.24 3.27
N LEU A 189 -8.78 1.47 2.15
CA LEU A 189 -8.95 2.83 1.63
C LEU A 189 -9.71 3.73 2.62
N GLY A 190 -10.71 3.18 3.30
CA GLY A 190 -11.40 3.88 4.38
C GLY A 190 -10.52 4.18 5.57
N VAL A 191 -9.70 3.21 5.97
CA VAL A 191 -8.76 3.45 7.08
C VAL A 191 -7.80 4.59 6.71
N LEU A 192 -7.30 4.58 5.47
CA LEU A 192 -6.35 5.60 5.01
C LEU A 192 -6.95 7.00 5.00
N CYS A 193 -8.17 7.10 4.47
CA CYS A 193 -8.86 8.38 4.41
C CYS A 193 -9.00 8.99 5.82
N TYR A 194 -9.40 8.18 6.80
CA TYR A 194 -9.46 8.62 8.19
C TYR A 194 -8.09 9.06 8.67
N GLU A 195 -7.06 8.23 8.44
CA GLU A 195 -5.74 8.54 9.01
C GLU A 195 -5.15 9.81 8.39
N PHE A 196 -5.40 10.03 7.09
CA PHE A 196 -4.93 11.24 6.41
C PHE A 196 -5.55 12.49 7.05
N LEU A 197 -6.84 12.46 7.36
CA LEU A 197 -7.52 13.66 7.89
C LEU A 197 -7.29 13.89 9.37
N VAL A 198 -7.13 12.81 10.14
CA VAL A 198 -7.09 12.84 11.60
C VAL A 198 -5.67 12.72 12.17
N GLY A 199 -4.79 12.02 11.45
CA GLY A 199 -3.40 11.84 11.89
C GLY A 199 -3.07 10.51 12.55
N LYS A 200 -4.09 9.71 12.84
CA LYS A 200 -3.92 8.35 13.35
C LYS A 200 -5.02 7.47 12.78
N PRO A 201 -4.75 6.17 12.62
CA PRO A 201 -5.82 5.29 12.10
C PRO A 201 -6.97 5.07 13.10
N PRO A 202 -8.18 4.75 12.57
CA PRO A 202 -9.39 4.77 13.43
C PRO A 202 -9.52 3.68 14.50
N PHE A 203 -8.78 2.57 14.43
CA PHE A 203 -8.94 1.50 15.41
C PHE A 203 -7.67 1.32 16.24
N GLU A 204 -6.79 2.32 16.20
CA GLU A 204 -5.51 2.25 16.91
C GLU A 204 -5.69 2.04 18.41
N ALA A 205 -4.80 1.24 18.99
CA ALA A 205 -4.93 0.85 20.39
C ALA A 205 -3.57 0.42 20.94
N ASN A 206 -3.48 0.28 22.26
CA ASN A 206 -2.20 0.00 22.94
C ASN A 206 -1.72 -1.44 22.85
N THR A 207 -2.64 -2.35 22.57
CA THR A 207 -2.29 -3.76 22.47
C THR A 207 -2.92 -4.36 21.23
N TYR A 208 -2.35 -5.49 20.79
CA TYR A 208 -2.86 -6.26 19.68
C TYR A 208 -4.27 -6.73 19.97
N GLN A 209 -4.44 -7.17 21.20
CA GLN A 209 -5.68 -7.75 21.63
C GLN A 209 -6.84 -6.75 21.57
N GLU A 210 -6.62 -5.51 22.00
CA GLU A 210 -7.71 -4.52 21.93
C GLU A 210 -7.89 -3.99 20.50
N THR A 211 -6.80 -3.87 19.74
CA THR A 211 -6.96 -3.47 18.34
C THR A 211 -7.86 -4.45 17.58
N TYR A 212 -7.63 -5.74 17.83
CA TYR A 212 -8.45 -6.80 17.25
C TYR A 212 -9.93 -6.60 17.58
N LYS A 213 -10.20 -6.32 18.85
CA LYS A 213 -11.56 -6.08 19.33
C LYS A 213 -12.19 -4.88 18.63
N ARG A 214 -11.49 -3.76 18.56
CA ARG A 214 -12.03 -2.57 17.88
C ARG A 214 -12.28 -2.78 16.39
N ILE A 215 -11.40 -3.52 15.70
CA ILE A 215 -11.65 -3.80 14.29
C ILE A 215 -12.86 -4.74 14.07
N SER A 216 -12.93 -5.86 14.80
CA SER A 216 -14.01 -6.80 14.57
C SER A 216 -15.37 -6.18 14.93
N ARG A 217 -15.38 -5.23 15.86
CA ARG A 217 -16.64 -4.57 16.23
C ARG A 217 -16.87 -3.22 15.51
N VAL A 218 -15.91 -2.84 14.67
CA VAL A 218 -15.95 -1.58 13.90
C VAL A 218 -16.21 -0.38 14.84
N GLU A 219 -15.42 -0.28 15.90
CA GLU A 219 -15.58 0.81 16.86
C GLU A 219 -14.69 1.99 16.50
N PHE A 220 -15.25 2.96 15.79
CA PHE A 220 -14.54 4.23 15.55
C PHE A 220 -15.44 5.45 15.79
N THR A 221 -14.83 6.55 16.22
CA THR A 221 -15.55 7.84 16.29
C THR A 221 -14.75 8.96 15.60
N PHE A 222 -15.43 10.07 15.28
CA PHE A 222 -14.80 11.20 14.58
C PHE A 222 -14.55 12.41 15.49
N PRO A 223 -13.37 13.03 15.35
CA PRO A 223 -13.18 14.35 15.99
C PRO A 223 -14.08 15.41 15.34
N ASP A 224 -14.37 16.48 16.07
CA ASP A 224 -15.31 17.50 15.59
C ASP A 224 -14.93 18.10 14.24
N PHE A 225 -13.63 18.22 13.94
CA PHE A 225 -13.22 18.92 12.73
C PHE A 225 -13.45 18.13 11.44
N VAL A 226 -13.69 16.82 11.51
CA VAL A 226 -13.98 16.06 10.30
C VAL A 226 -15.37 16.42 9.76
N THR A 227 -15.44 16.83 8.49
CA THR A 227 -16.69 17.34 7.91
C THR A 227 -17.68 16.25 7.49
N GLU A 228 -18.88 16.67 7.15
CA GLU A 228 -19.98 15.73 6.93
C GLU A 228 -19.72 14.87 5.69
N GLY A 229 -19.11 15.46 4.67
CA GLY A 229 -18.81 14.75 3.44
C GLY A 229 -17.75 13.66 3.68
N ALA A 230 -16.71 14.01 4.43
CA ALA A 230 -15.66 13.04 4.75
C ALA A 230 -16.22 11.89 5.60
N ARG A 231 -17.04 12.22 6.59
CA ARG A 231 -17.71 11.22 7.42
C ARG A 231 -18.57 10.23 6.62
N ASP A 232 -19.28 10.75 5.63
CA ASP A 232 -20.14 9.93 4.79
C ASP A 232 -19.34 8.88 3.99
N LEU A 233 -18.24 9.34 3.39
CA LEU A 233 -17.41 8.44 2.58
C LEU A 233 -16.73 7.41 3.47
N ILE A 234 -16.18 7.86 4.59
CA ILE A 234 -15.47 6.94 5.48
C ILE A 234 -16.43 5.88 6.07
N SER A 235 -17.63 6.32 6.50
CA SER A 235 -18.62 5.38 7.07
C SER A 235 -19.10 4.34 6.05
N ARG A 236 -19.15 4.72 4.78
CA ARG A 236 -19.53 3.79 3.71
C ARG A 236 -18.46 2.72 3.48
N LEU A 237 -17.19 3.08 3.67
CA LEU A 237 -16.08 2.15 3.41
C LEU A 237 -15.83 1.19 4.58
N LEU A 238 -15.96 1.68 5.82
CA LEU A 238 -15.76 0.85 7.01
C LEU A 238 -17.04 0.11 7.44
N LYS A 239 -17.54 -0.74 6.55
CA LYS A 239 -18.67 -1.62 6.84
C LYS A 239 -18.19 -3.02 7.16
N HIS A 240 -18.72 -3.63 8.22
CA HIS A 240 -18.33 -4.99 8.58
C HIS A 240 -18.57 -5.98 7.45
N ASN A 241 -19.73 -5.85 6.80
CA ASN A 241 -20.09 -6.73 5.69
C ASN A 241 -19.49 -6.23 4.38
N PRO A 242 -18.53 -6.99 3.84
CA PRO A 242 -17.78 -6.53 2.66
C PRO A 242 -18.66 -6.20 1.45
N SER A 243 -19.76 -6.94 1.26
CA SER A 243 -20.62 -6.70 0.10
C SER A 243 -21.36 -5.36 0.19
N GLN A 244 -21.39 -4.77 1.37
CA GLN A 244 -22.00 -3.45 1.48
C GLN A 244 -21.01 -2.31 1.24
N ARG A 245 -19.71 -2.62 1.15
CA ARG A 245 -18.73 -1.59 0.83
C ARG A 245 -18.90 -1.19 -0.64
N PRO A 246 -18.74 0.12 -0.95
CA PRO A 246 -19.02 0.62 -2.29
C PRO A 246 -18.06 0.10 -3.34
N MET A 247 -18.41 0.30 -4.61
CA MET A 247 -17.52 0.04 -5.74
C MET A 247 -16.58 1.24 -5.91
N LEU A 248 -15.44 1.02 -6.56
CA LEU A 248 -14.47 2.10 -6.68
C LEU A 248 -15.00 3.27 -7.53
N ARG A 249 -15.88 3.00 -8.49
CA ARG A 249 -16.50 4.08 -9.25
C ARG A 249 -17.33 4.98 -8.34
N GLU A 250 -17.93 4.38 -7.32
CA GLU A 250 -18.74 5.14 -6.37
C GLU A 250 -17.85 6.01 -5.48
N VAL A 251 -16.66 5.52 -5.14
CA VAL A 251 -15.67 6.35 -4.43
C VAL A 251 -15.23 7.53 -5.30
N LEU A 252 -14.83 7.26 -6.55
CA LEU A 252 -14.34 8.29 -7.45
C LEU A 252 -15.40 9.35 -7.79
N GLU A 253 -16.68 8.98 -7.66
CA GLU A 253 -17.79 9.88 -7.97
C GLU A 253 -18.43 10.52 -6.74
N HIS A 254 -17.92 10.20 -5.55
CA HIS A 254 -18.51 10.76 -4.33
C HIS A 254 -18.37 12.28 -4.32
N PRO A 255 -19.43 13.00 -3.88
CA PRO A 255 -19.44 14.47 -3.96
C PRO A 255 -18.29 15.15 -3.20
N TRP A 256 -17.87 14.59 -2.07
CA TRP A 256 -16.75 15.15 -1.29
C TRP A 256 -15.43 15.01 -2.04
N ILE A 257 -15.27 13.89 -2.76
CA ILE A 257 -14.10 13.67 -3.58
C ILE A 257 -14.08 14.63 -4.78
N THR A 258 -15.22 14.75 -5.46
CA THR A 258 -15.26 15.60 -6.65
C THR A 258 -15.12 17.07 -6.26
N ALA A 259 -15.61 17.45 -5.09
CA ALA A 259 -15.49 18.83 -4.63
C ALA A 259 -14.05 19.17 -4.29
N ASN A 260 -13.29 18.21 -3.79
CA ASN A 260 -12.00 18.52 -3.20
C ASN A 260 -10.74 18.02 -3.90
N SER A 261 -10.87 16.98 -4.73
CA SER A 261 -9.71 16.43 -5.45
C SER A 261 -9.29 17.31 -6.62
N SER A 262 -7.97 17.41 -6.84
CA SER A 262 -7.49 18.24 -7.94
C SER A 262 -6.99 17.39 -9.12
N LYS A 263 -7.36 16.11 -9.11
CA LYS A 263 -7.05 15.21 -10.22
C LYS A 263 -8.29 14.42 -10.64
N PRO A 264 -8.35 13.99 -11.92
CA PRO A 264 -9.54 13.30 -12.42
C PRO A 264 -9.48 11.76 -12.34
N SER A 265 -10.60 11.11 -12.64
CA SER A 265 -10.67 9.65 -12.75
C SER A 265 -9.84 9.13 -13.93
PB ADP B . 9.20 -4.46 2.62
O1B ADP B . 8.67 -5.49 1.64
O2B ADP B . 10.29 -5.06 3.48
O3B ADP B . 8.12 -3.68 3.37
PA ADP B . 9.32 -2.18 0.76
O1A ADP B . 9.38 -2.46 -0.72
O2A ADP B . 7.97 -1.70 1.25
O3A ADP B . 9.93 -3.36 1.66
O5' ADP B . 10.42 -1.00 0.93
C5' ADP B . 10.69 -0.54 2.27
C4' ADP B . 10.91 0.98 2.34
O4' ADP B . 11.98 1.43 1.49
C3' ADP B . 9.69 1.79 1.91
O3' ADP B . 8.70 1.83 2.97
C2' ADP B . 10.34 3.12 1.57
O2' ADP B . 10.73 3.79 2.78
C1' ADP B . 11.64 2.69 0.90
N9 ADP B . 11.45 2.43 -0.55
C8 ADP B . 11.07 1.23 -1.06
N7 ADP B . 11.02 1.29 -2.41
C5 ADP B . 11.39 2.54 -2.79
C6 ADP B . 11.54 3.24 -4.09
N6 ADP B . 11.27 2.59 -5.26
N1 ADP B . 11.94 4.55 -4.06
C2 ADP B . 12.18 5.18 -2.89
N3 ADP B . 12.07 4.59 -1.67
C4 ADP B . 11.67 3.28 -1.56
MG MG C . 6.61 -2.35 2.68
MG MG D . 7.29 -7.03 1.44
C12 A6Z E . 15.40 -18.37 -1.36
C11 A6Z E . 15.30 -19.01 -2.76
C10 A6Z E . 12.73 -17.33 -4.84
C9 A6Z E . 13.44 -18.14 -3.75
C8 A6Z E . 15.54 -18.06 -4.86
C7 A6Z E . 15.01 -17.14 -5.92
C4 A6Z E . 14.37 -14.98 -7.31
C5 A6Z E . 14.11 -14.00 -8.23
C6 A6Z E . 12.66 -13.70 -8.66
C3 A6Z E . 13.24 -15.78 -6.71
C2 A6Z E . 11.93 -15.55 -7.10
C1 A6Z E . 11.63 -14.44 -8.12
CL1 A6Z E . 15.48 -13.16 -8.83
N1 A6Z E . 13.63 -16.77 -5.78
N2 A6Z E . 14.84 -17.96 -3.63
N3 A6Z E . 15.39 -17.97 -0.27
#